data_5OJI
#
_entry.id   5OJI
#
_cell.length_a   94.750
_cell.length_b   94.750
_cell.length_c   132.560
_cell.angle_alpha   90.00
_cell.angle_beta   90.00
_cell.angle_gamma   90.00
#
_symmetry.space_group_name_H-M   'P 42 21 2'
#
loop_
_entity.id
_entity.type
_entity.pdbx_description
1 polymer 'Dehydrogenase/reductase SDR family member 4'
2 non-polymer 'NADP NICOTINAMIDE-ADENINE-DINUCLEOTIDE PHOSPHATE'
3 non-polymer ISATIN
4 water water
#
_entity_poly.entity_id   1
_entity_poly.type   'polypeptide(L)'
_entity_poly.pdbx_seq_one_letter_code
;MPSNCRRFEGKVAIVTAATKGIGLAIAERLLDEGASVVIGSRNQKNVDEAIEYLKNKGLTKVAGIAGHIASTDDQKKLVD
FTLQKFGKINILVNNHGINPAFGHILEVSDQVWDKLFEVNVKAGFQMTKLVHPHIAKEGGGAIIFNASYSAYKSPPGIAA
YGVTKTTLVGLTRALAMGLAKDNIRVNGIAPGVIKTKMSQVLWDGGEDAEKELTDIQEIALGRLGVPDDCAGTVAYLASD
DSSYITGEMIIIAGGVQARL
;
_entity_poly.pdbx_strand_id   A,B
#
loop_
_chem_comp.id
_chem_comp.type
_chem_comp.name
_chem_comp.formula
ISN non-polymer ISATIN 'C8 H5 N O2'
NAP non-polymer 'NADP NICOTINAMIDE-ADENINE-DINUCLEOTIDE PHOSPHATE' 'C21 H28 N7 O17 P3'
#
# COMPACT_ATOMS: atom_id res chain seq x y z
N MET A 1 14.98 10.31 -3.38
CA MET A 1 15.10 8.86 -3.66
C MET A 1 15.46 8.13 -2.35
N PRO A 2 16.61 8.41 -1.75
CA PRO A 2 16.93 7.71 -0.50
C PRO A 2 15.90 8.04 0.58
N SER A 3 15.52 7.00 1.33
CA SER A 3 14.51 7.13 2.37
C SER A 3 15.09 7.03 3.77
N ASN A 4 16.35 6.64 3.90
CA ASN A 4 16.96 6.27 5.17
C ASN A 4 16.21 5.13 5.85
N CYS A 5 15.21 4.58 5.17
CA CYS A 5 14.55 3.39 5.71
C CYS A 5 15.56 2.26 5.79
N ARG A 6 15.59 1.57 6.92
CA ARG A 6 16.45 0.40 7.10
C ARG A 6 15.62 -0.71 7.69
N ARG A 7 14.56 -1.09 6.96
CA ARG A 7 13.59 -1.99 7.52
C ARG A 7 13.96 -3.46 7.30
N PHE A 8 15.08 -3.74 6.65
CA PHE A 8 15.37 -5.10 6.23
C PHE A 8 16.74 -5.59 6.71
N GLU A 9 17.33 -4.94 7.70
CA GLU A 9 18.57 -5.45 8.26
C GLU A 9 18.33 -6.84 8.83
N GLY A 10 19.21 -7.77 8.47
CA GLY A 10 19.06 -9.13 8.92
C GLY A 10 18.03 -9.94 8.18
N LYS A 11 17.51 -9.46 7.06
CA LYS A 11 16.53 -10.20 6.27
C LYS A 11 17.16 -10.65 4.96
N VAL A 12 16.63 -11.77 4.44
CA VAL A 12 17.07 -12.35 3.18
C VAL A 12 15.87 -12.41 2.24
N ALA A 13 16.04 -11.89 1.03
CA ALA A 13 14.98 -11.88 0.04
C ALA A 13 15.45 -12.55 -1.25
N ILE A 14 14.56 -13.34 -1.84
CA ILE A 14 14.70 -13.78 -3.22
C ILE A 14 13.82 -12.90 -4.08
N VAL A 15 14.38 -12.36 -5.16
CA VAL A 15 13.62 -11.62 -6.16
C VAL A 15 13.83 -12.35 -7.47
N THR A 16 12.78 -12.93 -8.00
CA THR A 16 12.89 -13.66 -9.26
C THR A 16 12.92 -12.67 -10.41
N ALA A 17 13.55 -13.10 -11.51
CA ALA A 17 13.56 -12.35 -12.75
C ALA A 17 13.94 -10.89 -12.54
N ALA A 18 15.06 -10.67 -11.86
CA ALA A 18 15.37 -9.38 -11.25
C ALA A 18 16.73 -8.84 -11.69
N THR A 19 17.10 -9.07 -12.94
CA THR A 19 18.32 -8.48 -13.47
C THR A 19 18.07 -7.24 -14.31
N LYS A 20 16.80 -6.92 -14.55
CA LYS A 20 16.37 -5.74 -15.28
C LYS A 20 15.08 -5.22 -14.69
N GLY A 21 14.75 -3.97 -15.01
CA GLY A 21 13.42 -3.46 -14.83
C GLY A 21 12.92 -3.50 -13.40
N ILE A 22 11.65 -3.88 -13.25
CA ILE A 22 10.99 -3.83 -11.95
C ILE A 22 11.74 -4.68 -10.93
N GLY A 23 12.09 -5.92 -11.31
CA GLY A 23 12.74 -6.80 -10.35
C GLY A 23 14.06 -6.25 -9.85
N LEU A 24 14.86 -5.67 -10.75
CA LEU A 24 16.13 -5.08 -10.33
C LEU A 24 15.92 -3.87 -9.43
N ALA A 25 14.93 -3.03 -9.73
CA ALA A 25 14.63 -1.90 -8.85
C ALA A 25 14.19 -2.40 -7.48
N ILE A 26 13.41 -3.49 -7.42
CA ILE A 26 13.01 -4.03 -6.13
C ILE A 26 14.22 -4.50 -5.35
N ALA A 27 15.09 -5.28 -6.00
CA ALA A 27 16.28 -5.79 -5.31
C ALA A 27 17.12 -4.64 -4.78
N GLU A 28 17.36 -3.64 -5.62
CA GLU A 28 18.15 -2.49 -5.20
C GLU A 28 17.57 -1.84 -3.95
N ARG A 29 16.26 -1.64 -3.90
CA ARG A 29 15.66 -0.99 -2.74
C ARG A 29 15.80 -1.84 -1.48
N LEU A 30 15.58 -3.15 -1.61
CA LEU A 30 15.77 -4.02 -0.45
C LEU A 30 17.22 -3.97 0.02
N LEU A 31 18.17 -3.95 -0.90
CA LEU A 31 19.58 -3.87 -0.50
C LEU A 31 19.86 -2.54 0.17
N ASP A 32 19.30 -1.46 -0.36
CA ASP A 32 19.44 -0.15 0.27
C ASP A 32 18.96 -0.16 1.71
N GLU A 33 17.94 -0.96 2.03
CA GLU A 33 17.38 -1.01 3.37
C GLU A 33 18.01 -2.08 4.24
N GLY A 34 19.11 -2.68 3.78
CA GLY A 34 19.89 -3.57 4.61
C GLY A 34 19.71 -5.04 4.33
N ALA A 35 18.89 -5.42 3.34
CA ALA A 35 18.62 -6.82 3.09
C ALA A 35 19.81 -7.49 2.40
N SER A 36 19.89 -8.80 2.57
CA SER A 36 20.65 -9.65 1.66
C SER A 36 19.67 -10.17 0.60
N VAL A 37 20.08 -10.12 -0.67
CA VAL A 37 19.20 -10.43 -1.78
C VAL A 37 19.87 -11.41 -2.73
N VAL A 38 19.10 -12.41 -3.15
CA VAL A 38 19.45 -13.26 -4.28
C VAL A 38 18.54 -12.87 -5.43
N ILE A 39 19.14 -12.60 -6.59
CA ILE A 39 18.40 -12.35 -7.82
C ILE A 39 18.63 -13.49 -8.79
N GLY A 40 17.66 -13.70 -9.66
CA GLY A 40 17.78 -14.71 -10.70
C GLY A 40 17.23 -14.20 -12.01
N SER A 41 17.74 -14.78 -13.10
CA SER A 41 17.13 -14.68 -14.41
C SER A 41 17.78 -15.75 -15.30
N ARG A 42 17.31 -15.85 -16.55
CA ARG A 42 17.72 -16.95 -17.41
C ARG A 42 19.19 -16.85 -17.79
N ASN A 43 19.66 -15.64 -18.11
CA ASN A 43 20.94 -15.45 -18.77
C ASN A 43 22.01 -14.98 -17.78
N GLN A 44 23.11 -15.74 -17.73
CA GLN A 44 24.19 -15.42 -16.81
C GLN A 44 24.74 -14.03 -17.09
N LYS A 45 24.74 -13.61 -18.35
CA LYS A 45 25.25 -12.28 -18.67
C LYS A 45 24.42 -11.20 -17.98
N ASN A 46 23.11 -11.38 -17.94
CA ASN A 46 22.26 -10.43 -17.25
C ASN A 46 22.48 -10.49 -15.75
N VAL A 47 22.66 -11.69 -15.20
CA VAL A 47 22.99 -11.80 -13.78
C VAL A 47 24.28 -11.04 -13.49
N ASP A 48 25.30 -11.23 -14.33
CA ASP A 48 26.58 -10.57 -14.09
C ASP A 48 26.44 -9.06 -14.14
N GLU A 49 25.79 -8.54 -15.17
CA GLU A 49 25.64 -7.10 -15.30
C GLU A 49 24.86 -6.51 -14.13
N ALA A 50 23.82 -7.21 -13.67
CA ALA A 50 23.03 -6.72 -12.55
C ALA A 50 23.85 -6.70 -11.26
N ILE A 51 24.58 -7.78 -11.00
CA ILE A 51 25.41 -7.85 -9.79
C ILE A 51 26.44 -6.73 -9.81
N GLU A 52 27.03 -6.48 -10.97
CA GLU A 52 28.04 -5.42 -11.09
C GLU A 52 27.41 -4.06 -10.83
N TYR A 53 26.28 -3.78 -11.49
CA TYR A 53 25.57 -2.52 -11.28
C TYR A 53 25.30 -2.28 -9.80
N LEU A 54 24.80 -3.30 -9.10
CA LEU A 54 24.49 -3.14 -7.68
C LEU A 54 25.75 -2.94 -6.86
N LYS A 55 26.79 -3.73 -7.11
CA LYS A 55 28.00 -3.60 -6.33
C LYS A 55 28.71 -2.28 -6.58
N ASN A 56 28.52 -1.68 -7.76
CA ASN A 56 29.09 -0.37 -8.02
C ASN A 56 28.43 0.71 -7.17
N LYS A 57 27.18 0.53 -6.78
CA LYS A 57 26.50 1.46 -5.88
C LYS A 57 26.77 1.17 -4.41
N GLY A 58 27.69 0.28 -4.11
CA GLY A 58 27.95 -0.10 -2.72
C GLY A 58 26.98 -1.10 -2.16
N LEU A 59 26.17 -1.73 -3.00
CA LEU A 59 25.19 -2.71 -2.55
C LEU A 59 25.79 -4.09 -2.83
N THR A 60 26.47 -4.64 -1.82
CA THR A 60 27.28 -5.84 -1.99
C THR A 60 26.69 -7.10 -1.38
N LYS A 61 25.64 -6.98 -0.57
CA LYS A 61 25.03 -8.17 0.04
C LYS A 61 24.06 -8.80 -0.93
N VAL A 62 24.54 -9.10 -2.13
CA VAL A 62 23.70 -9.61 -3.20
C VAL A 62 24.45 -10.75 -3.89
N ALA A 63 23.69 -11.76 -4.30
CA ALA A 63 24.24 -12.87 -5.08
C ALA A 63 23.24 -13.18 -6.18
N GLY A 64 23.73 -13.81 -7.24
CA GLY A 64 22.91 -14.07 -8.40
C GLY A 64 23.13 -15.48 -8.92
N ILE A 65 22.08 -16.05 -9.48
CA ILE A 65 22.13 -17.39 -10.05
C ILE A 65 21.23 -17.44 -11.28
N ALA A 66 21.78 -17.92 -12.39
CA ALA A 66 21.03 -18.02 -13.64
C ALA A 66 20.21 -19.30 -13.68
N GLY A 67 18.99 -19.20 -14.18
CA GLY A 67 18.08 -20.33 -14.24
C GLY A 67 16.77 -19.92 -14.87
N HIS A 68 16.04 -20.92 -15.38
CA HIS A 68 14.69 -20.71 -15.91
CA HIS A 68 14.69 -20.69 -15.90
C HIS A 68 13.70 -20.90 -14.76
N ILE A 69 12.87 -19.87 -14.50
CA ILE A 69 12.04 -19.89 -13.29
C ILE A 69 10.93 -20.94 -13.36
N ALA A 70 10.58 -21.41 -14.55
CA ALA A 70 9.60 -22.47 -14.69
C ALA A 70 10.22 -23.87 -14.73
N SER A 71 11.53 -23.99 -14.56
CA SER A 71 12.20 -25.28 -14.46
C SER A 71 12.21 -25.70 -13.00
N THR A 72 11.64 -26.87 -12.71
CA THR A 72 11.65 -27.34 -11.34
C THR A 72 13.07 -27.56 -10.86
N ASP A 73 13.98 -28.01 -11.74
CA ASP A 73 15.38 -28.13 -11.36
C ASP A 73 15.92 -26.78 -10.94
N ASP A 74 15.68 -25.75 -11.76
CA ASP A 74 16.26 -24.43 -11.49
C ASP A 74 15.60 -23.76 -10.30
N GLN A 75 14.32 -24.01 -10.05
CA GLN A 75 13.66 -23.49 -8.86
C GLN A 75 14.35 -24.01 -7.60
N LYS A 76 14.63 -25.31 -7.55
CA LYS A 76 15.32 -25.86 -6.40
C LYS A 76 16.72 -25.27 -6.27
N LYS A 77 17.41 -25.05 -7.40
CA LYS A 77 18.76 -24.51 -7.34
C LYS A 77 18.77 -23.09 -6.82
N LEU A 78 17.74 -22.33 -7.18
CA LEU A 78 17.63 -20.94 -6.74
C LEU A 78 17.42 -20.88 -5.24
N VAL A 79 16.50 -21.70 -4.71
CA VAL A 79 16.23 -21.72 -3.28
C VAL A 79 17.44 -22.24 -2.50
N ASP A 80 18.02 -23.35 -2.96
CA ASP A 80 19.17 -23.92 -2.25
C ASP A 80 20.36 -22.96 -2.27
N PHE A 81 20.56 -22.28 -3.40
CA PHE A 81 21.62 -21.29 -3.51
C PHE A 81 21.43 -20.17 -2.49
N THR A 82 20.18 -19.75 -2.29
CA THR A 82 19.91 -18.70 -1.32
C THR A 82 20.25 -19.17 0.09
N LEU A 83 19.86 -20.40 0.42
CA LEU A 83 20.17 -20.94 1.73
C LEU A 83 21.67 -21.11 1.92
N GLN A 84 22.38 -21.53 0.86
CA GLN A 84 23.83 -21.67 0.96
C GLN A 84 24.49 -20.31 1.19
N LYS A 85 24.05 -19.28 0.46
CA LYS A 85 24.72 -17.99 0.52
C LYS A 85 24.44 -17.26 1.83
N PHE A 86 23.18 -17.29 2.31
CA PHE A 86 22.74 -16.41 3.38
C PHE A 86 22.08 -17.16 4.52
N GLY A 87 21.89 -18.47 4.40
CA GLY A 87 21.49 -19.30 5.52
C GLY A 87 20.01 -19.34 5.81
N LYS A 88 19.21 -18.51 5.17
CA LYS A 88 17.79 -18.42 5.52
C LYS A 88 17.07 -17.67 4.41
N ILE A 89 15.74 -17.69 4.49
CA ILE A 89 14.90 -16.94 3.58
C ILE A 89 13.79 -16.30 4.39
N ASN A 90 13.60 -14.99 4.21
CA ASN A 90 12.53 -14.26 4.87
C ASN A 90 11.45 -13.79 3.90
N ILE A 91 11.82 -13.55 2.66
CA ILE A 91 11.01 -12.81 1.69
C ILE A 91 11.19 -13.46 0.33
N LEU A 92 10.08 -13.65 -0.38
CA LEU A 92 10.10 -14.07 -1.78
C LEU A 92 9.29 -13.06 -2.57
N VAL A 93 9.91 -12.46 -3.58
CA VAL A 93 9.22 -11.60 -4.54
C VAL A 93 9.14 -12.35 -5.85
N ASN A 94 7.93 -12.80 -6.19
CA ASN A 94 7.65 -13.43 -7.48
C ASN A 94 7.40 -12.33 -8.50
N ASN A 95 8.46 -11.95 -9.20
CA ASN A 95 8.42 -10.89 -10.18
C ASN A 95 8.39 -11.41 -11.61
N HIS A 96 8.56 -12.71 -11.80
CA HIS A 96 8.65 -13.28 -13.14
C HIS A 96 7.29 -13.26 -13.84
N GLY A 97 7.34 -13.17 -15.16
CA GLY A 97 6.17 -13.29 -16.00
C GLY A 97 6.52 -13.07 -17.45
N ILE A 98 5.84 -13.75 -18.34
CA ILE A 98 6.13 -13.65 -19.77
C ILE A 98 4.91 -13.10 -20.49
N ASN A 99 5.18 -12.46 -21.61
CA ASN A 99 4.17 -11.79 -22.40
C ASN A 99 4.54 -11.99 -23.86
N PRO A 100 4.53 -13.24 -24.34
CA PRO A 100 5.09 -13.52 -25.67
C PRO A 100 4.07 -13.34 -26.79
N ALA A 101 2.80 -13.57 -26.48
CA ALA A 101 1.75 -13.49 -27.48
C ALA A 101 1.32 -12.03 -27.69
N PHE A 102 0.93 -11.73 -28.92
CA PHE A 102 0.23 -10.48 -29.18
C PHE A 102 -0.74 -10.69 -30.33
N GLY A 103 -2.01 -10.57 -30.04
CA GLY A 103 -3.03 -10.87 -31.03
C GLY A 103 -4.35 -11.09 -30.32
N HIS A 104 -5.33 -11.55 -31.10
CA HIS A 104 -6.64 -11.78 -30.54
C HIS A 104 -6.64 -13.02 -29.66
N ILE A 105 -7.41 -12.96 -28.57
CA ILE A 105 -7.45 -14.08 -27.64
C ILE A 105 -7.89 -15.36 -28.33
N LEU A 106 -8.72 -15.26 -29.38
CA LEU A 106 -9.14 -16.48 -30.08
C LEU A 106 -7.98 -17.12 -30.84
N GLU A 107 -6.90 -16.39 -31.07
CA GLU A 107 -5.74 -16.87 -31.80
CA GLU A 107 -5.76 -16.93 -31.80
C GLU A 107 -4.67 -17.46 -30.88
N VAL A 108 -4.91 -17.47 -29.58
CA VAL A 108 -3.97 -18.07 -28.62
C VAL A 108 -4.14 -19.58 -28.66
N SER A 109 -3.10 -20.28 -29.10
CA SER A 109 -3.15 -21.72 -29.14
C SER A 109 -3.21 -22.29 -27.72
N ASP A 110 -3.71 -23.52 -27.60
CA ASP A 110 -3.73 -24.21 -26.32
C ASP A 110 -2.35 -24.31 -25.72
N GLN A 111 -1.32 -24.49 -26.56
CA GLN A 111 0.05 -24.58 -26.08
C GLN A 111 0.49 -23.28 -25.43
N VAL A 112 0.30 -22.16 -26.14
CA VAL A 112 0.69 -20.87 -25.60
C VAL A 112 -0.10 -20.56 -24.35
N TRP A 113 -1.40 -20.88 -24.36
CA TRP A 113 -2.23 -20.73 -23.16
C TRP A 113 -1.59 -21.43 -21.97
N ASP A 114 -1.27 -22.72 -22.11
CA ASP A 114 -0.69 -23.46 -21.00
C ASP A 114 0.64 -22.87 -20.59
N LYS A 115 1.44 -22.44 -21.55
CA LYS A 115 2.75 -21.87 -21.22
C LYS A 115 2.59 -20.59 -20.42
N LEU A 116 1.62 -19.76 -20.79
CA LEU A 116 1.40 -18.52 -20.04
C LEU A 116 1.08 -18.82 -18.58
N PHE A 117 0.21 -19.81 -18.33
CA PHE A 117 -0.11 -20.16 -16.95
C PHE A 117 1.07 -20.83 -16.26
N GLU A 118 1.84 -21.63 -17.00
CA GLU A 118 2.98 -22.32 -16.40
C GLU A 118 3.98 -21.33 -15.85
N VAL A 119 4.33 -20.31 -16.65
CA VAL A 119 5.34 -19.36 -16.19
C VAL A 119 4.72 -18.32 -15.25
N ASN A 120 3.56 -17.78 -15.60
CA ASN A 120 3.04 -16.62 -14.88
C ASN A 120 2.33 -16.98 -13.58
N VAL A 121 1.85 -18.20 -13.45
CA VAL A 121 1.10 -18.59 -12.27
C VAL A 121 1.79 -19.76 -11.58
N LYS A 122 1.85 -20.91 -12.26
CA LYS A 122 2.35 -22.12 -11.63
C LYS A 122 3.74 -21.91 -11.02
N ALA A 123 4.65 -21.28 -11.73
CA ALA A 123 6.00 -21.12 -11.20
C ALA A 123 6.00 -20.34 -9.89
N GLY A 124 5.09 -19.37 -9.73
CA GLY A 124 5.02 -18.66 -8.45
C GLY A 124 4.47 -19.52 -7.34
N PHE A 125 3.50 -20.35 -7.66
CA PHE A 125 3.02 -21.33 -6.70
C PHE A 125 4.14 -22.30 -6.31
N GLN A 126 4.88 -22.79 -7.30
CA GLN A 126 5.99 -23.71 -7.03
C GLN A 126 7.05 -23.03 -6.17
N MET A 127 7.41 -21.80 -6.50
CA MET A 127 8.42 -21.11 -5.68
C MET A 127 7.92 -20.91 -4.25
N THR A 128 6.62 -20.62 -4.09
CA THR A 128 6.04 -20.45 -2.76
C THR A 128 6.15 -21.75 -1.97
N LYS A 129 5.81 -22.87 -2.59
CA LYS A 129 5.92 -24.15 -1.89
C LYS A 129 7.35 -24.43 -1.48
N LEU A 130 8.33 -24.02 -2.30
CA LEU A 130 9.73 -24.28 -1.96
C LEU A 130 10.22 -23.38 -0.83
N VAL A 131 9.86 -22.10 -0.84
CA VAL A 131 10.40 -21.22 0.20
C VAL A 131 9.63 -21.35 1.50
N HIS A 132 8.40 -21.86 1.46
CA HIS A 132 7.50 -21.78 2.60
C HIS A 132 8.13 -22.30 3.89
N PRO A 133 8.65 -23.54 3.92
CA PRO A 133 9.21 -24.03 5.20
C PRO A 133 10.35 -23.17 5.71
N HIS A 134 11.12 -22.59 4.79
CA HIS A 134 12.24 -21.77 5.22
C HIS A 134 11.77 -20.45 5.82
N ILE A 135 10.76 -19.82 5.21
CA ILE A 135 10.25 -18.58 5.77
C ILE A 135 9.55 -18.87 7.08
N ALA A 136 8.75 -19.94 7.13
CA ALA A 136 8.05 -20.30 8.34
C ALA A 136 9.03 -20.52 9.50
N LYS A 137 10.21 -21.05 9.20
CA LYS A 137 11.21 -21.31 10.23
C LYS A 137 11.70 -20.02 10.88
N GLU A 138 11.70 -18.91 10.16
CA GLU A 138 12.11 -17.63 10.72
C GLU A 138 11.01 -16.97 11.54
N GLY A 139 9.89 -17.64 11.75
CA GLY A 139 8.77 -17.05 12.46
C GLY A 139 7.81 -16.30 11.57
N GLY A 140 8.06 -16.26 10.28
CA GLY A 140 7.17 -15.63 9.33
C GLY A 140 7.96 -14.78 8.38
N GLY A 141 7.22 -14.05 7.55
CA GLY A 141 7.85 -13.23 6.54
C GLY A 141 6.84 -12.75 5.53
N ALA A 142 7.29 -12.57 4.30
CA ALA A 142 6.46 -11.96 3.27
C ALA A 142 6.69 -12.62 1.92
N ILE A 143 5.61 -12.80 1.17
CA ILE A 143 5.69 -13.19 -0.23
C ILE A 143 4.92 -12.16 -1.03
N ILE A 144 5.53 -11.63 -2.09
CA ILE A 144 4.89 -10.61 -2.92
C ILE A 144 4.82 -11.10 -4.36
N PHE A 145 3.64 -10.94 -4.97
CA PHE A 145 3.42 -11.28 -6.37
C PHE A 145 3.33 -10.00 -7.18
N ASN A 146 4.01 -9.98 -8.32
CA ASN A 146 3.90 -8.88 -9.27
C ASN A 146 2.87 -9.31 -10.30
N ALA A 147 1.65 -8.84 -10.14
CA ALA A 147 0.59 -9.13 -11.09
C ALA A 147 0.61 -8.04 -12.15
N SER A 148 -0.51 -7.36 -12.33
CA SER A 148 -0.62 -6.35 -13.37
C SER A 148 -1.97 -5.67 -13.25
N TYR A 149 -1.99 -4.39 -13.66
CA TYR A 149 -3.27 -3.70 -13.78
C TYR A 149 -4.17 -4.42 -14.78
N SER A 150 -3.58 -5.14 -15.75
CA SER A 150 -4.38 -5.90 -16.71
C SER A 150 -5.09 -7.08 -16.06
N ALA A 151 -4.78 -7.40 -14.81
CA ALA A 151 -5.59 -8.36 -14.07
C ALA A 151 -7.01 -7.85 -13.86
N TYR A 152 -7.18 -6.54 -13.79
CA TYR A 152 -8.47 -5.92 -13.49
C TYR A 152 -9.14 -5.35 -14.73
N LYS A 153 -8.37 -4.76 -15.63
CA LYS A 153 -8.88 -4.24 -16.89
C LYS A 153 -8.26 -5.06 -18.03
N SER A 154 -9.07 -5.92 -18.62
CA SER A 154 -8.60 -6.82 -19.67
C SER A 154 -8.11 -5.99 -20.86
N PRO A 155 -6.84 -6.12 -21.26
CA PRO A 155 -6.33 -5.28 -22.34
C PRO A 155 -6.49 -5.95 -23.70
N PRO A 156 -6.51 -5.18 -24.78
CA PRO A 156 -6.44 -5.77 -26.12
C PRO A 156 -5.04 -6.32 -26.38
N GLY A 157 -4.96 -7.25 -27.33
CA GLY A 157 -3.66 -7.77 -27.75
C GLY A 157 -3.01 -8.78 -26.81
N ILE A 158 -3.10 -8.58 -25.49
CA ILE A 158 -2.40 -9.43 -24.52
C ILE A 158 -3.41 -9.89 -23.48
N ALA A 159 -4.63 -10.16 -23.91
CA ALA A 159 -5.69 -10.52 -22.98
C ALA A 159 -5.39 -11.82 -22.24
N ALA A 160 -4.84 -12.83 -22.94
CA ALA A 160 -4.53 -14.08 -22.25
C ALA A 160 -3.53 -13.84 -21.12
N TYR A 161 -2.49 -13.05 -21.40
CA TYR A 161 -1.58 -12.62 -20.35
C TYR A 161 -2.35 -11.96 -19.21
N GLY A 162 -3.31 -11.09 -19.53
CA GLY A 162 -4.08 -10.43 -18.49
C GLY A 162 -4.83 -11.42 -17.61
N VAL A 163 -5.36 -12.48 -18.22
CA VAL A 163 -6.08 -13.49 -17.44
C VAL A 163 -5.14 -14.14 -16.43
N THR A 164 -3.89 -14.42 -16.82
CA THR A 164 -2.96 -15.02 -15.86
C THR A 164 -2.70 -14.07 -14.72
N LYS A 165 -2.78 -12.76 -14.97
CA LYS A 165 -2.59 -11.80 -13.90
C LYS A 165 -3.82 -11.71 -13.00
N THR A 166 -5.03 -11.82 -13.57
CA THR A 166 -6.20 -12.03 -12.72
C THR A 166 -6.00 -13.24 -11.82
N THR A 167 -5.46 -14.32 -12.39
CA THR A 167 -5.22 -15.52 -11.61
C THR A 167 -4.35 -15.20 -10.40
N LEU A 168 -3.33 -14.36 -10.60
CA LEU A 168 -2.41 -14.07 -9.51
C LEU A 168 -3.08 -13.26 -8.40
N VAL A 169 -4.08 -12.46 -8.72
CA VAL A 169 -4.86 -11.81 -7.67
C VAL A 169 -5.47 -12.88 -6.77
N GLY A 170 -6.09 -13.88 -7.38
CA GLY A 170 -6.65 -14.99 -6.62
C GLY A 170 -5.60 -15.83 -5.90
N LEU A 171 -4.45 -16.07 -6.56
CA LEU A 171 -3.41 -16.87 -5.92
C LEU A 171 -2.83 -16.12 -4.74
N THR A 172 -2.60 -14.81 -4.90
CA THR A 172 -2.15 -13.99 -3.79
C THR A 172 -3.08 -14.14 -2.60
N ARG A 173 -4.40 -14.03 -2.84
CA ARG A 173 -5.37 -14.15 -1.77
C ARG A 173 -5.34 -15.54 -1.15
N ALA A 174 -5.34 -16.58 -1.99
CA ALA A 174 -5.39 -17.95 -1.47
C ALA A 174 -4.19 -18.24 -0.59
N LEU A 175 -2.99 -17.86 -1.04
CA LEU A 175 -1.80 -18.09 -0.24
C LEU A 175 -1.81 -17.22 1.00
N ALA A 176 -2.31 -15.99 0.91
CA ALA A 176 -2.45 -15.17 2.11
C ALA A 176 -3.29 -15.89 3.15
N MET A 177 -4.45 -16.42 2.74
CA MET A 177 -5.33 -17.08 3.69
C MET A 177 -4.66 -18.34 4.24
N GLY A 178 -3.95 -19.09 3.42
CA GLY A 178 -3.36 -20.36 3.84
C GLY A 178 -2.07 -20.25 4.61
N LEU A 179 -1.33 -19.17 4.42
CA LEU A 179 -0.03 -19.03 5.07
C LEU A 179 -0.07 -18.09 6.27
N ALA A 180 -1.24 -17.53 6.59
CA ALA A 180 -1.37 -16.67 7.77
C ALA A 180 -0.97 -17.43 9.03
N LYS A 181 -1.29 -18.72 9.11
CA LYS A 181 -0.95 -19.52 10.28
C LYS A 181 0.53 -19.50 10.58
N ASP A 182 1.37 -19.27 9.57
CA ASP A 182 2.81 -19.21 9.73
C ASP A 182 3.32 -17.78 9.81
N ASN A 183 2.42 -16.80 9.97
CA ASN A 183 2.78 -15.39 9.99
C ASN A 183 3.51 -15.00 8.72
N ILE A 184 3.10 -15.58 7.59
CA ILE A 184 3.63 -15.21 6.28
C ILE A 184 2.54 -14.42 5.56
N ARG A 185 2.83 -13.15 5.30
CA ARG A 185 1.91 -12.24 4.64
C ARG A 185 2.16 -12.30 3.15
N VAL A 186 1.09 -12.44 2.36
CA VAL A 186 1.18 -12.55 0.92
C VAL A 186 0.38 -11.40 0.32
N ASN A 187 1.04 -10.56 -0.47
CA ASN A 187 0.39 -9.41 -1.07
C ASN A 187 0.93 -9.28 -2.47
N GLY A 188 0.39 -8.34 -3.23
CA GLY A 188 0.85 -8.17 -4.59
C GLY A 188 0.83 -6.72 -5.03
N ILE A 189 1.54 -6.48 -6.11
CA ILE A 189 1.42 -5.24 -6.83
C ILE A 189 0.82 -5.52 -8.20
N ALA A 190 0.14 -4.50 -8.73
CA ALA A 190 -0.52 -4.58 -10.02
C ALA A 190 -0.12 -3.33 -10.80
N PRO A 191 1.07 -3.33 -11.39
CA PRO A 191 1.54 -2.12 -12.08
C PRO A 191 0.83 -1.90 -13.40
N GLY A 192 0.66 -0.63 -13.72
CA GLY A 192 0.21 -0.23 -15.04
C GLY A 192 1.34 -0.35 -16.03
N VAL A 193 1.31 0.50 -17.05
CA VAL A 193 2.39 0.51 -18.04
C VAL A 193 3.63 1.08 -17.39
N ILE A 194 4.66 0.23 -17.23
CA ILE A 194 5.96 0.62 -16.70
C ILE A 194 6.94 0.54 -17.85
N LYS A 195 7.85 1.52 -17.93
CA LYS A 195 8.79 1.59 -19.06
C LYS A 195 9.92 0.60 -18.82
N THR A 196 9.78 -0.58 -19.43
CA THR A 196 10.79 -1.64 -19.37
C THR A 196 10.88 -2.26 -20.76
N LYS A 197 11.71 -3.31 -20.89
CA LYS A 197 11.84 -3.98 -22.17
C LYS A 197 10.55 -4.71 -22.55
N MET A 198 9.85 -5.28 -21.58
CA MET A 198 8.62 -6.01 -21.89
C MET A 198 7.58 -5.10 -22.55
N SER A 199 7.46 -3.86 -22.08
CA SER A 199 6.47 -2.93 -22.59
C SER A 199 7.05 -1.93 -23.59
N GLN A 200 8.33 -2.06 -23.94
CA GLN A 200 8.94 -1.17 -24.94
C GLN A 200 8.06 -1.05 -26.18
N VAL A 201 7.65 -2.19 -26.75
CA VAL A 201 6.68 -2.28 -27.84
C VAL A 201 5.71 -1.10 -27.79
N LEU A 202 4.89 -1.05 -26.74
CA LEU A 202 3.80 -0.08 -26.66
C LEU A 202 4.28 1.36 -26.87
N TRP A 203 5.15 1.84 -25.98
CA TRP A 203 5.48 3.26 -25.90
C TRP A 203 6.70 3.65 -26.74
N ASP A 204 7.00 2.88 -27.79
CA ASP A 204 8.20 3.14 -28.58
C ASP A 204 8.11 4.51 -29.26
N GLY A 205 9.25 5.19 -29.33
CA GLY A 205 9.38 6.39 -30.14
C GLY A 205 9.04 7.70 -29.45
N GLY A 206 9.46 7.83 -28.19
CA GLY A 206 9.27 9.10 -27.49
C GLY A 206 7.80 9.51 -27.43
N GLU A 207 7.60 10.78 -27.07
CA GLU A 207 6.25 11.31 -26.93
C GLU A 207 5.56 11.34 -28.29
N ASP A 208 4.56 10.47 -28.43
CA ASP A 208 3.89 10.13 -29.68
C ASP A 208 3.18 8.83 -29.36
N ALA A 209 3.96 7.87 -28.84
CA ALA A 209 3.44 6.74 -28.08
C ALA A 209 3.60 6.92 -26.58
N GLU A 210 4.47 7.83 -26.15
CA GLU A 210 4.61 8.18 -24.74
C GLU A 210 3.72 9.34 -24.32
N LYS A 211 3.01 9.97 -25.26
CA LYS A 211 2.06 11.01 -24.94
C LYS A 211 0.63 10.67 -25.30
N GLU A 212 0.41 9.86 -26.34
CA GLU A 212 -0.94 9.40 -26.64
C GLU A 212 -1.30 8.21 -25.76
N LEU A 213 -0.43 7.21 -25.67
CA LEU A 213 -0.67 6.11 -24.74
C LEU A 213 -0.90 6.61 -23.33
N THR A 214 -0.22 7.69 -22.95
CA THR A 214 -0.44 8.30 -21.64
C THR A 214 -1.94 8.50 -21.38
N ASP A 215 -2.59 9.27 -22.24
CA ASP A 215 -4.03 9.45 -22.16
C ASP A 215 -4.69 8.72 -23.33
N ILE A 216 -4.47 7.41 -23.34
CA ILE A 216 -5.23 6.45 -24.11
C ILE A 216 -5.59 5.35 -23.11
N GLN A 217 -4.66 5.09 -22.19
CA GLN A 217 -4.92 4.31 -20.99
C GLN A 217 -5.68 5.10 -19.93
N GLU A 218 -5.72 6.43 -20.05
CA GLU A 218 -6.38 7.31 -19.09
C GLU A 218 -5.62 7.35 -17.76
N ILE A 219 -4.36 7.79 -17.81
CA ILE A 219 -3.52 7.84 -16.61
C ILE A 219 -3.64 9.24 -16.01
N ALA A 220 -4.26 9.32 -14.83
CA ALA A 220 -4.54 10.63 -14.23
C ALA A 220 -3.27 11.44 -14.02
N LEU A 221 -2.18 10.81 -13.60
CA LEU A 221 -0.96 11.53 -13.31
C LEU A 221 -0.16 11.87 -14.57
N GLY A 222 -0.65 11.49 -15.75
CA GLY A 222 -0.10 12.04 -16.98
C GLY A 222 1.30 11.60 -17.34
N ARG A 223 1.71 10.40 -16.96
CA ARG A 223 3.02 9.88 -17.30
C ARG A 223 2.99 8.37 -17.15
N LEU A 224 3.90 7.72 -17.87
CA LEU A 224 4.09 6.29 -17.68
C LEU A 224 4.92 6.04 -16.43
N GLY A 225 4.80 4.84 -15.90
CA GLY A 225 5.59 4.48 -14.75
C GLY A 225 7.01 4.08 -15.12
N VAL A 226 7.88 4.09 -14.12
CA VAL A 226 9.24 3.59 -14.27
C VAL A 226 9.42 2.49 -13.23
N PRO A 227 10.44 1.62 -13.43
CA PRO A 227 10.61 0.50 -12.50
C PRO A 227 10.66 0.90 -11.04
N ASP A 228 11.35 1.99 -10.69
CA ASP A 228 11.45 2.37 -9.30
C ASP A 228 10.09 2.72 -8.70
N ASP A 229 9.08 3.03 -9.52
CA ASP A 229 7.74 3.30 -9.01
C ASP A 229 7.11 2.11 -8.31
N CYS A 230 7.67 0.91 -8.52
CA CYS A 230 7.19 -0.30 -7.86
C CYS A 230 7.95 -0.64 -6.59
N ALA A 231 9.18 -0.13 -6.44
CA ALA A 231 10.07 -0.63 -5.40
C ALA A 231 9.62 -0.19 -4.01
N GLY A 232 9.22 1.08 -3.87
CA GLY A 232 8.75 1.55 -2.58
C GLY A 232 7.59 0.73 -2.06
N THR A 233 6.69 0.32 -2.96
CA THR A 233 5.53 -0.46 -2.55
C THR A 233 5.93 -1.87 -2.12
N VAL A 234 6.78 -2.54 -2.89
CA VAL A 234 7.24 -3.87 -2.52
C VAL A 234 7.96 -3.80 -1.19
N ALA A 235 8.84 -2.81 -1.01
CA ALA A 235 9.55 -2.69 0.26
C ALA A 235 8.57 -2.50 1.41
N TYR A 236 7.57 -1.63 1.22
CA TYR A 236 6.53 -1.47 2.22
C TYR A 236 5.81 -2.79 2.50
N LEU A 237 5.39 -3.49 1.45
CA LEU A 237 4.64 -4.73 1.67
C LEU A 237 5.48 -5.82 2.34
N ALA A 238 6.79 -5.83 2.14
CA ALA A 238 7.63 -6.83 2.77
C ALA A 238 8.06 -6.46 4.17
N SER A 239 7.83 -5.22 4.59
CA SER A 239 8.30 -4.71 5.87
C SER A 239 7.22 -4.81 6.93
N ASP A 240 7.63 -4.53 8.17
CA ASP A 240 6.68 -4.47 9.27
C ASP A 240 5.77 -3.25 9.20
N ASP A 241 6.03 -2.31 8.29
CA ASP A 241 5.11 -1.21 8.08
C ASP A 241 3.77 -1.67 7.53
N SER A 242 3.67 -2.94 7.09
CA SER A 242 2.42 -3.52 6.61
C SER A 242 2.09 -4.80 7.38
N SER A 243 2.48 -4.85 8.67
CA SER A 243 2.38 -6.09 9.44
C SER A 243 0.94 -6.57 9.61
N TYR A 244 -0.07 -5.73 9.38
CA TYR A 244 -1.45 -6.15 9.53
C TYR A 244 -2.17 -6.25 8.18
N ILE A 245 -1.40 -6.40 7.10
CA ILE A 245 -1.94 -6.39 5.75
C ILE A 245 -1.53 -7.70 5.06
N THR A 246 -2.52 -8.46 4.60
CA THR A 246 -2.26 -9.66 3.84
C THR A 246 -3.44 -9.92 2.92
N GLY A 247 -3.13 -10.50 1.77
CA GLY A 247 -4.13 -10.82 0.77
C GLY A 247 -4.49 -9.68 -0.14
N GLU A 248 -3.75 -8.57 -0.12
CA GLU A 248 -4.13 -7.35 -0.81
CA GLU A 248 -4.16 -7.37 -0.84
C GLU A 248 -3.27 -7.15 -2.05
N MET A 249 -3.85 -6.46 -3.03
CA MET A 249 -3.20 -6.04 -4.25
C MET A 249 -3.16 -4.52 -4.24
N ILE A 250 -2.01 -3.93 -4.56
CA ILE A 250 -1.90 -2.49 -4.71
C ILE A 250 -1.69 -2.18 -6.17
N ILE A 251 -2.60 -1.39 -6.75
CA ILE A 251 -2.47 -0.96 -8.13
C ILE A 251 -1.49 0.21 -8.20
N ILE A 252 -0.49 0.07 -9.09
CA ILE A 252 0.54 1.08 -9.28
C ILE A 252 0.48 1.54 -10.73
N ALA A 253 -0.46 2.42 -11.04
CA ALA A 253 -0.76 2.73 -12.44
C ALA A 253 -1.08 4.20 -12.65
N GLY A 254 -0.67 5.07 -11.72
CA GLY A 254 -0.82 6.49 -11.93
C GLY A 254 -2.25 6.99 -11.96
N GLY A 255 -3.18 6.24 -11.39
CA GLY A 255 -4.56 6.70 -11.27
C GLY A 255 -5.53 6.11 -12.26
N VAL A 256 -5.18 5.02 -12.94
CA VAL A 256 -6.11 4.36 -13.85
C VAL A 256 -7.10 3.56 -13.02
N GLN A 257 -8.38 3.65 -13.39
CA GLN A 257 -9.48 3.08 -12.62
C GLN A 257 -9.89 1.71 -13.18
N ALA A 258 -9.93 0.71 -12.30
CA ALA A 258 -10.49 -0.58 -12.70
C ALA A 258 -11.09 -1.39 -11.55
N ARG A 259 -11.10 -0.89 -10.33
CA ARG A 259 -11.87 -1.51 -9.25
C ARG A 259 -12.05 -0.50 -8.13
N LEU A 260 -13.03 -0.75 -7.27
CA LEU A 260 -13.25 0.09 -6.08
C LEU A 260 -12.53 -0.48 -4.88
N MET B 1 8.97 -0.75 17.34
CA MET B 1 10.25 -0.70 16.57
C MET B 1 10.38 0.63 15.84
N PRO B 2 11.60 1.05 15.54
CA PRO B 2 11.79 2.09 14.53
C PRO B 2 11.99 1.49 13.14
N SER B 3 11.66 2.31 12.15
CA SER B 3 11.99 2.02 10.76
C SER B 3 13.25 2.73 10.31
N ASN B 4 13.62 3.81 11.02
CA ASN B 4 14.63 4.77 10.62
C ASN B 4 14.26 5.55 9.36
N CYS B 5 13.06 5.31 8.83
CA CYS B 5 12.61 6.10 7.69
C CYS B 5 12.60 7.59 8.04
N ARG B 6 13.07 8.40 7.09
CA ARG B 6 13.05 9.86 7.22
C ARG B 6 12.60 10.47 5.89
N ARG B 7 11.38 10.21 5.51
CA ARG B 7 10.92 10.62 4.19
C ARG B 7 10.25 11.99 4.17
N PHE B 8 10.13 12.69 5.31
CA PHE B 8 9.29 13.88 5.38
C PHE B 8 10.01 15.12 5.88
N GLU B 9 11.33 15.18 5.81
CA GLU B 9 12.02 16.39 6.26
C GLU B 9 11.61 17.56 5.37
N GLY B 10 11.30 18.68 6.02
CA GLY B 10 10.80 19.86 5.34
C GLY B 10 9.36 19.79 4.88
N LYS B 11 8.62 18.76 5.22
CA LYS B 11 7.21 18.66 4.85
C LYS B 11 6.32 19.02 6.04
N VAL B 12 5.12 19.49 5.72
CA VAL B 12 4.12 19.87 6.72
C VAL B 12 2.85 19.06 6.49
N ALA B 13 2.36 18.42 7.54
CA ALA B 13 1.15 17.63 7.46
C ALA B 13 0.12 18.15 8.46
N ILE B 14 -1.13 18.11 8.06
CA ILE B 14 -2.26 18.24 8.96
C ILE B 14 -2.85 16.85 9.14
N VAL B 15 -3.02 16.42 10.38
CA VAL B 15 -3.77 15.20 10.69
C VAL B 15 -4.97 15.58 11.53
N THR B 16 -6.16 15.32 11.00
CA THR B 16 -7.37 15.68 11.72
C THR B 16 -7.69 14.61 12.75
N ALA B 17 -8.41 15.03 13.81
CA ALA B 17 -8.87 14.14 14.85
C ALA B 17 -7.75 13.24 15.36
N ALA B 18 -6.63 13.84 15.78
CA ALA B 18 -5.39 13.10 15.89
C ALA B 18 -4.78 13.25 17.27
N THR B 19 -5.61 13.29 18.29
CA THR B 19 -5.13 13.35 19.67
C THR B 19 -5.28 12.02 20.37
N LYS B 20 -5.87 11.03 19.70
CA LYS B 20 -5.97 9.67 20.21
C LYS B 20 -5.87 8.70 19.05
N GLY B 21 -5.60 7.45 19.39
CA GLY B 21 -5.84 6.34 18.47
C GLY B 21 -5.06 6.44 17.19
N ILE B 22 -5.76 6.20 16.09
CA ILE B 22 -5.12 6.05 14.78
C ILE B 22 -4.51 7.37 14.35
N GLY B 23 -5.26 8.47 14.51
CA GLY B 23 -4.74 9.76 14.10
C GLY B 23 -3.47 10.12 14.86
N LEU B 24 -3.43 9.82 16.16
CA LEU B 24 -2.23 10.13 16.93
C LEU B 24 -1.05 9.26 16.47
N ALA B 25 -1.30 7.99 16.18
CA ALA B 25 -0.22 7.13 15.68
C ALA B 25 0.31 7.64 14.35
N ILE B 26 -0.59 8.13 13.49
CA ILE B 26 -0.18 8.69 12.20
C ILE B 26 0.69 9.91 12.40
N ALA B 27 0.23 10.85 13.24
CA ALA B 27 1.01 12.05 13.51
C ALA B 27 2.37 11.69 14.06
N GLU B 28 2.41 10.75 15.00
CA GLU B 28 3.67 10.37 15.59
C GLU B 28 4.64 9.84 14.54
N ARG B 29 4.13 9.03 13.59
CA ARG B 29 5.00 8.44 12.57
C ARG B 29 5.54 9.52 11.62
N LEU B 30 4.69 10.46 11.22
CA LEU B 30 5.17 11.54 10.36
C LEU B 30 6.24 12.37 11.07
N LEU B 31 6.01 12.69 12.34
CA LEU B 31 7.00 13.41 13.13
C LEU B 31 8.30 12.61 13.23
N ASP B 32 8.18 11.30 13.46
CA ASP B 32 9.37 10.44 13.50
CA ASP B 32 9.39 10.48 13.53
C ASP B 32 10.17 10.54 12.22
N GLU B 33 9.50 10.74 11.08
CA GLU B 33 10.15 10.80 9.77
C GLU B 33 10.57 12.20 9.35
N GLY B 34 10.47 13.19 10.25
CA GLY B 34 10.97 14.53 9.99
C GLY B 34 9.92 15.57 9.69
N ALA B 35 8.65 15.21 9.68
CA ALA B 35 7.64 16.17 9.31
C ALA B 35 7.39 17.19 10.42
N SER B 36 6.83 18.33 10.03
CA SER B 36 6.11 19.20 10.94
C SER B 36 4.63 18.84 10.84
N VAL B 37 3.98 18.68 11.98
CA VAL B 37 2.60 18.24 11.98
C VAL B 37 1.73 19.16 12.83
N VAL B 38 0.53 19.43 12.33
CA VAL B 38 -0.54 20.02 13.11
C VAL B 38 -1.59 18.94 13.36
N ILE B 39 -1.92 18.74 14.62
CA ILE B 39 -3.01 17.88 15.02
C ILE B 39 -4.15 18.72 15.58
N GLY B 40 -5.34 18.15 15.54
CA GLY B 40 -6.50 18.82 16.11
C GLY B 40 -7.48 17.79 16.60
N SER B 41 -8.31 18.20 17.55
CA SER B 41 -9.51 17.46 17.94
C SER B 41 -10.38 18.44 18.72
N ARG B 42 -11.55 17.99 19.16
CA ARG B 42 -12.50 18.93 19.78
C ARG B 42 -12.00 19.48 21.10
N ASN B 43 -11.37 18.63 21.92
CA ASN B 43 -11.18 18.90 23.33
C ASN B 43 -9.76 19.40 23.58
N GLN B 44 -9.64 20.63 24.07
CA GLN B 44 -8.33 21.23 24.28
C GLN B 44 -7.47 20.35 25.18
N LYS B 45 -8.09 19.69 26.16
CA LYS B 45 -7.34 18.84 27.07
C LYS B 45 -6.70 17.67 26.30
N ASN B 46 -7.42 17.10 25.34
CA ASN B 46 -6.84 16.02 24.54
C ASN B 46 -5.70 16.54 23.69
N VAL B 47 -5.86 17.74 23.12
CA VAL B 47 -4.77 18.36 22.38
C VAL B 47 -3.54 18.49 23.26
N ASP B 48 -3.72 19.07 24.45
CA ASP B 48 -2.61 19.27 25.38
C ASP B 48 -1.91 17.95 25.67
N GLU B 49 -2.69 16.92 26.03
CA GLU B 49 -2.10 15.63 26.39
C GLU B 49 -1.36 15.01 25.21
N ALA B 50 -1.91 15.13 24.00
CA ALA B 50 -1.22 14.59 22.83
C ALA B 50 0.08 15.32 22.58
N ILE B 51 0.06 16.65 22.65
CA ILE B 51 1.26 17.44 22.41
C ILE B 51 2.34 17.09 23.43
N GLU B 52 1.94 16.90 24.69
CA GLU B 52 2.92 16.57 25.72
C GLU B 52 3.47 15.17 25.52
N TYR B 53 2.59 14.21 25.22
CA TYR B 53 3.04 12.85 24.92
C TYR B 53 4.09 12.86 23.81
N LEU B 54 3.84 13.63 22.75
CA LEU B 54 4.78 13.67 21.62
C LEU B 54 6.06 14.38 22.01
N LYS B 55 5.95 15.53 22.65
CA LYS B 55 7.15 16.29 22.98
C LYS B 55 8.03 15.54 23.97
N ASN B 56 7.43 14.71 24.82
CA ASN B 56 8.22 13.89 25.74
C ASN B 56 9.04 12.83 25.01
N LYS B 57 8.62 12.41 23.82
CA LYS B 57 9.40 11.51 22.99
C LYS B 57 10.39 12.26 22.11
N GLY B 58 10.57 13.56 22.32
CA GLY B 58 11.45 14.35 21.49
C GLY B 58 10.88 14.78 20.16
N LEU B 59 9.57 14.61 19.93
CA LEU B 59 8.92 15.01 18.69
C LEU B 59 8.31 16.39 18.89
N THR B 60 9.11 17.43 18.64
CA THR B 60 8.74 18.79 19.00
C THR B 60 8.23 19.62 17.83
N LYS B 61 8.35 19.14 16.60
CA LYS B 61 7.88 19.89 15.44
C LYS B 61 6.39 19.72 15.27
N VAL B 62 5.63 19.86 16.36
CA VAL B 62 4.21 19.58 16.36
C VAL B 62 3.49 20.76 17.00
N ALA B 63 2.28 21.03 16.52
CA ALA B 63 1.44 22.05 17.12
C ALA B 63 -0.01 21.56 17.04
N GLY B 64 -0.84 22.06 17.95
CA GLY B 64 -2.19 21.58 18.07
C GLY B 64 -3.20 22.71 18.18
N ILE B 65 -4.41 22.44 17.67
CA ILE B 65 -5.49 23.40 17.76
C ILE B 65 -6.80 22.64 17.98
N ALA B 66 -7.55 23.05 19.00
CA ALA B 66 -8.84 22.46 19.29
C ALA B 66 -9.93 23.04 18.39
N GLY B 67 -10.77 22.17 17.87
CA GLY B 67 -11.91 22.60 17.06
C GLY B 67 -12.72 21.40 16.64
N HIS B 68 -13.94 21.68 16.19
CA HIS B 68 -14.83 20.66 15.66
CA HIS B 68 -14.82 20.65 15.66
C HIS B 68 -14.63 20.56 14.15
N ILE B 69 -14.33 19.36 13.67
CA ILE B 69 -13.89 19.21 12.29
C ILE B 69 -15.02 19.46 11.29
N ALA B 70 -16.27 19.35 11.70
CA ALA B 70 -17.39 19.69 10.84
C ALA B 70 -17.82 21.16 10.94
N SER B 71 -17.13 21.98 11.73
CA SER B 71 -17.44 23.40 11.83
C SER B 71 -16.64 24.14 10.76
N THR B 72 -17.33 24.85 9.87
CA THR B 72 -16.62 25.61 8.85
C THR B 72 -15.72 26.68 9.46
N ASP B 73 -16.16 27.29 10.57
CA ASP B 73 -15.27 28.21 11.29
C ASP B 73 -14.00 27.49 11.75
N ASP B 74 -14.15 26.33 12.38
CA ASP B 74 -12.98 25.63 12.92
C ASP B 74 -12.10 25.07 11.81
N GLN B 75 -12.69 24.63 10.70
CA GLN B 75 -11.91 24.19 9.55
C GLN B 75 -10.98 25.28 9.07
N LYS B 76 -11.52 26.47 8.86
CA LYS B 76 -10.68 27.59 8.44
C LYS B 76 -9.59 27.84 9.46
N LYS B 77 -9.92 27.79 10.76
CA LYS B 77 -8.94 28.10 11.80
C LYS B 77 -7.82 27.07 11.81
N LEU B 78 -8.17 25.81 11.60
CA LEU B 78 -7.16 24.74 11.57
C LEU B 78 -6.18 24.95 10.43
N VAL B 79 -6.70 25.25 9.24
CA VAL B 79 -5.84 25.47 8.08
C VAL B 79 -4.98 26.72 8.27
N ASP B 80 -5.59 27.82 8.70
CA ASP B 80 -4.85 29.07 8.89
C ASP B 80 -3.80 28.92 9.98
N PHE B 81 -4.13 28.17 11.04
CA PHE B 81 -3.18 27.92 12.11
C PHE B 81 -1.95 27.18 11.58
N THR B 82 -2.16 26.18 10.73
CA THR B 82 -1.05 25.45 10.13
C THR B 82 -0.17 26.40 9.31
N LEU B 83 -0.80 27.23 8.47
CA LEU B 83 -0.02 28.16 7.66
C LEU B 83 0.74 29.15 8.53
N GLN B 84 0.12 29.63 9.60
CA GLN B 84 0.82 30.55 10.49
C GLN B 84 1.99 29.87 11.19
N LYS B 85 1.81 28.64 11.66
CA LYS B 85 2.88 27.98 12.41
C LYS B 85 4.02 27.52 11.51
N PHE B 86 3.69 26.97 10.34
CA PHE B 86 4.68 26.25 9.54
C PHE B 86 4.80 26.75 8.12
N GLY B 87 3.94 27.66 7.67
CA GLY B 87 4.16 28.39 6.43
C GLY B 87 3.60 27.74 5.20
N LYS B 88 3.24 26.46 5.27
CA LYS B 88 2.84 25.71 4.10
C LYS B 88 2.11 24.45 4.56
N ILE B 89 1.47 23.79 3.60
CA ILE B 89 0.84 22.49 3.81
C ILE B 89 1.23 21.61 2.63
N ASN B 90 1.78 20.45 2.93
CA ASN B 90 2.08 19.45 1.90
C ASN B 90 1.11 18.28 1.92
N ILE B 91 0.57 17.96 3.10
CA ILE B 91 -0.11 16.71 3.37
C ILE B 91 -1.33 16.98 4.25
N LEU B 92 -2.47 16.38 3.89
CA LEU B 92 -3.65 16.37 4.74
C LEU B 92 -4.06 14.94 4.97
N VAL B 93 -4.17 14.54 6.23
CA VAL B 93 -4.74 13.24 6.58
C VAL B 93 -6.11 13.48 7.20
N ASN B 94 -7.15 13.12 6.45
CA ASN B 94 -8.54 13.15 6.90
C ASN B 94 -8.82 11.88 7.67
N ASN B 95 -8.53 11.91 8.96
CA ASN B 95 -8.66 10.76 9.84
C ASN B 95 -10.00 10.74 10.54
N HIS B 96 -10.66 11.89 10.65
CA HIS B 96 -11.87 12.04 11.43
C HIS B 96 -12.98 11.13 10.93
N GLY B 97 -13.78 10.66 11.87
CA GLY B 97 -15.00 9.97 11.59
C GLY B 97 -15.66 9.61 12.90
N ILE B 98 -16.98 9.61 12.90
CA ILE B 98 -17.75 9.31 14.09
C ILE B 98 -18.68 8.16 13.80
N ASN B 99 -19.14 7.50 14.87
CA ASN B 99 -20.24 6.54 14.77
CA ASN B 99 -20.24 6.56 14.75
C ASN B 99 -21.01 6.58 16.06
N PRO B 100 -22.03 7.42 16.16
CA PRO B 100 -22.80 7.51 17.40
C PRO B 100 -23.91 6.48 17.45
N ALA B 101 -24.38 6.05 16.28
CA ALA B 101 -25.51 5.13 16.23
C ALA B 101 -25.04 3.69 16.42
N PHE B 102 -25.86 2.91 17.11
CA PHE B 102 -25.72 1.46 17.10
C PHE B 102 -27.12 0.85 17.10
N GLY B 103 -27.43 0.04 16.10
CA GLY B 103 -28.75 -0.52 15.95
C GLY B 103 -29.01 -0.83 14.50
N HIS B 104 -30.28 -1.14 14.22
CA HIS B 104 -30.65 -1.50 12.85
C HIS B 104 -30.69 -0.26 11.95
N ILE B 105 -30.30 -0.45 10.69
CA ILE B 105 -30.24 0.70 9.79
C ILE B 105 -31.61 1.36 9.65
N LEU B 106 -32.69 0.57 9.74
CA LEU B 106 -34.03 1.14 9.62
C LEU B 106 -34.38 2.09 10.76
N GLU B 107 -33.67 2.03 11.87
CA GLU B 107 -33.94 2.88 13.02
C GLU B 107 -33.04 4.11 13.04
N VAL B 108 -32.23 4.31 12.00
CA VAL B 108 -31.42 5.52 11.90
C VAL B 108 -32.32 6.65 11.44
N SER B 109 -32.44 7.67 12.28
CA SER B 109 -33.27 8.82 11.94
C SER B 109 -32.63 9.59 10.78
N ASP B 110 -33.47 10.35 10.06
CA ASP B 110 -32.95 11.21 9.02
C ASP B 110 -31.88 12.15 9.55
N GLN B 111 -32.05 12.62 10.79
CA GLN B 111 -31.11 13.57 11.36
C GLN B 111 -29.76 12.92 11.60
N VAL B 112 -29.77 11.71 12.17
CA VAL B 112 -28.53 11.00 12.44
C VAL B 112 -27.85 10.63 11.13
N TRP B 113 -28.64 10.18 10.16
CA TRP B 113 -28.15 9.95 8.80
C TRP B 113 -27.37 11.15 8.27
N ASP B 114 -27.98 12.34 8.33
CA ASP B 114 -27.31 13.50 7.78
C ASP B 114 -26.08 13.84 8.58
N LYS B 115 -26.10 13.60 9.89
CA LYS B 115 -24.95 13.96 10.70
C LYS B 115 -23.77 13.04 10.40
N LEU B 116 -24.05 11.76 10.24
CA LEU B 116 -23.01 10.82 9.80
C LEU B 116 -22.34 11.30 8.53
N PHE B 117 -23.12 11.71 7.53
CA PHE B 117 -22.49 12.16 6.30
C PHE B 117 -21.79 13.50 6.46
N GLU B 118 -22.31 14.37 7.32
CA GLU B 118 -21.69 15.67 7.53
C GLU B 118 -20.28 15.52 8.08
N VAL B 119 -20.11 14.71 9.11
CA VAL B 119 -18.80 14.58 9.73
C VAL B 119 -17.90 13.64 8.93
N ASN B 120 -18.45 12.50 8.50
CA ASN B 120 -17.60 11.43 7.97
C ASN B 120 -17.20 11.65 6.52
N VAL B 121 -17.98 12.43 5.77
CA VAL B 121 -17.72 12.67 4.36
C VAL B 121 -17.55 14.16 4.06
N LYS B 122 -18.58 14.96 4.37
CA LYS B 122 -18.59 16.35 3.92
C LYS B 122 -17.40 17.11 4.49
N ALA B 123 -17.07 16.88 5.76
CA ALA B 123 -15.96 17.58 6.40
C ALA B 123 -14.63 17.26 5.71
N GLY B 124 -14.45 16.04 5.22
CA GLY B 124 -13.24 15.73 4.47
C GLY B 124 -13.22 16.42 3.13
N PHE B 125 -14.37 16.50 2.47
CA PHE B 125 -14.46 17.28 1.25
C PHE B 125 -14.16 18.76 1.53
N GLN B 126 -14.71 19.32 2.60
CA GLN B 126 -14.47 20.72 2.95
C GLN B 126 -13.02 20.96 3.28
N MET B 127 -12.42 20.09 4.10
CA MET B 127 -10.99 20.23 4.39
C MET B 127 -10.16 20.13 3.11
N THR B 128 -10.52 19.24 2.21
CA THR B 128 -9.78 19.13 0.96
C THR B 128 -9.85 20.43 0.19
N LYS B 129 -11.03 21.03 0.09
CA LYS B 129 -11.14 22.29 -0.64
C LYS B 129 -10.29 23.38 -0.01
N LEU B 130 -10.15 23.38 1.32
CA LEU B 130 -9.38 24.43 1.98
C LEU B 130 -7.88 24.24 1.80
N VAL B 131 -7.39 23.00 1.91
CA VAL B 131 -5.95 22.81 1.81
C VAL B 131 -5.46 22.83 0.37
N HIS B 132 -6.34 22.54 -0.60
CA HIS B 132 -5.91 22.33 -1.98
C HIS B 132 -5.01 23.41 -2.54
N PRO B 133 -5.33 24.70 -2.48
CA PRO B 133 -4.44 25.69 -3.09
C PRO B 133 -3.10 25.73 -2.42
N HIS B 134 -3.04 25.39 -1.15
CA HIS B 134 -1.77 25.45 -0.44
C HIS B 134 -0.88 24.26 -0.80
N ILE B 135 -1.46 23.06 -0.92
CA ILE B 135 -0.69 21.91 -1.38
C ILE B 135 -0.25 22.12 -2.82
N ALA B 136 -1.18 22.57 -3.68
CA ALA B 136 -0.85 22.80 -5.08
C ALA B 136 0.31 23.77 -5.22
N LYS B 137 0.37 24.76 -4.34
CA LYS B 137 1.44 25.76 -4.38
C LYS B 137 2.81 25.12 -4.16
N GLU B 138 2.87 24.03 -3.41
CA GLU B 138 4.14 23.36 -3.19
C GLU B 138 4.51 22.40 -4.33
N GLY B 139 3.75 22.40 -5.43
CA GLY B 139 4.07 21.53 -6.52
C GLY B 139 3.40 20.18 -6.42
N GLY B 140 2.61 19.98 -5.39
CA GLY B 140 1.85 18.78 -5.20
C GLY B 140 2.00 18.32 -3.79
N GLY B 141 1.46 17.13 -3.53
CA GLY B 141 1.50 16.56 -2.20
C GLY B 141 0.52 15.40 -2.11
N ALA B 142 -0.04 15.23 -0.91
CA ALA B 142 -0.83 14.05 -0.64
C ALA B 142 -1.99 14.35 0.28
N ILE B 143 -3.12 13.68 0.00
CA ILE B 143 -4.29 13.69 0.86
C ILE B 143 -4.68 12.25 1.10
N ILE B 144 -4.86 11.89 2.36
CA ILE B 144 -5.20 10.51 2.72
C ILE B 144 -6.49 10.51 3.51
N PHE B 145 -7.43 9.64 3.12
CA PHE B 145 -8.67 9.44 3.84
C PHE B 145 -8.61 8.14 4.64
N ASN B 146 -9.08 8.20 5.87
CA ASN B 146 -9.24 7.02 6.70
C ASN B 146 -10.69 6.58 6.58
N ALA B 147 -10.93 5.58 5.73
CA ALA B 147 -12.27 5.03 5.57
C ALA B 147 -12.47 3.92 6.57
N SER B 148 -12.69 2.70 6.09
CA SER B 148 -12.89 1.54 6.94
C SER B 148 -13.11 0.29 6.10
N TYR B 149 -12.78 -0.88 6.64
CA TYR B 149 -13.13 -2.09 5.92
CA TYR B 149 -13.13 -2.12 5.97
C TYR B 149 -14.64 -2.26 5.82
N SER B 150 -15.40 -1.60 6.71
CA SER B 150 -16.86 -1.63 6.61
C SER B 150 -17.37 -0.87 5.39
N ALA B 151 -16.49 -0.13 4.69
CA ALA B 151 -16.87 0.41 3.38
C ALA B 151 -17.15 -0.70 2.37
N TYR B 152 -16.49 -1.84 2.52
CA TYR B 152 -16.59 -2.96 1.58
C TYR B 152 -17.48 -4.09 2.11
N LYS B 153 -17.39 -4.38 3.39
CA LYS B 153 -18.23 -5.38 4.02
C LYS B 153 -19.17 -4.66 4.97
N SER B 154 -20.45 -4.58 4.62
CA SER B 154 -21.42 -3.89 5.44
C SER B 154 -21.58 -4.58 6.79
N PRO B 155 -21.35 -3.89 7.92
CA PRO B 155 -21.40 -4.54 9.22
C PRO B 155 -22.78 -4.45 9.85
N PRO B 156 -23.11 -5.36 10.77
CA PRO B 156 -24.31 -5.17 11.57
C PRO B 156 -24.11 -4.03 12.55
N GLY B 157 -25.22 -3.43 12.97
CA GLY B 157 -25.20 -2.44 14.04
C GLY B 157 -24.73 -1.05 13.65
N ILE B 158 -23.78 -0.95 12.71
CA ILE B 158 -23.23 0.33 12.32
C ILE B 158 -23.24 0.43 10.80
N ALA B 159 -24.29 -0.13 10.19
CA ALA B 159 -24.39 -0.16 8.74
C ALA B 159 -24.37 1.24 8.13
N ALA B 160 -25.09 2.20 8.74
CA ALA B 160 -25.12 3.55 8.17
C ALA B 160 -23.74 4.17 8.19
N TYR B 161 -23.03 4.05 9.31
CA TYR B 161 -21.62 4.43 9.35
C TYR B 161 -20.86 3.77 8.20
N GLY B 162 -21.08 2.47 8.00
CA GLY B 162 -20.41 1.77 6.92
C GLY B 162 -20.67 2.42 5.57
N VAL B 163 -21.91 2.86 5.34
CA VAL B 163 -22.23 3.51 4.07
C VAL B 163 -21.40 4.77 3.89
N THR B 164 -21.21 5.55 4.98
CA THR B 164 -20.40 6.76 4.85
C THR B 164 -18.97 6.41 4.49
N LYS B 165 -18.50 5.24 4.92
CA LYS B 165 -17.16 4.82 4.56
C LYS B 165 -17.10 4.32 3.11
N THR B 166 -18.16 3.66 2.61
CA THR B 166 -18.22 3.40 1.17
C THR B 166 -18.12 4.70 0.39
N THR B 167 -18.83 5.73 0.84
CA THR B 167 -18.76 7.04 0.21
C THR B 167 -17.34 7.52 0.10
N LEU B 168 -16.54 7.32 1.16
CA LEU B 168 -15.18 7.83 1.16
C LEU B 168 -14.31 7.11 0.15
N VAL B 169 -14.63 5.86 -0.16
CA VAL B 169 -13.92 5.17 -1.24
C VAL B 169 -14.14 5.93 -2.53
N GLY B 170 -15.40 6.30 -2.80
CA GLY B 170 -15.72 7.07 -3.97
C GLY B 170 -15.13 8.47 -3.93
N LEU B 171 -15.18 9.12 -2.77
CA LEU B 171 -14.62 10.47 -2.65
C LEU B 171 -13.11 10.47 -2.84
N THR B 172 -12.41 9.51 -2.22
CA THR B 172 -10.96 9.36 -2.46
C THR B 172 -10.68 9.28 -3.95
N ARG B 173 -11.43 8.44 -4.65
CA ARG B 173 -11.24 8.27 -6.09
C ARG B 173 -11.56 9.56 -6.85
N ALA B 174 -12.71 10.18 -6.56
CA ALA B 174 -13.08 11.40 -7.28
C ALA B 174 -12.04 12.49 -7.08
N LEU B 175 -11.54 12.63 -5.85
CA LEU B 175 -10.53 13.66 -5.60
C LEU B 175 -9.21 13.29 -6.26
N ALA B 176 -8.85 12.00 -6.24
CA ALA B 176 -7.64 11.57 -6.94
C ALA B 176 -7.70 11.97 -8.41
N MET B 177 -8.83 11.71 -9.07
CA MET B 177 -8.93 12.01 -10.49
C MET B 177 -8.91 13.51 -10.74
N GLY B 178 -9.49 14.29 -9.83
CA GLY B 178 -9.60 15.73 -10.03
C GLY B 178 -8.38 16.51 -9.60
N LEU B 179 -7.59 15.98 -8.67
CA LEU B 179 -6.42 16.70 -8.21
C LEU B 179 -5.12 16.18 -8.83
N ALA B 180 -5.20 15.16 -9.68
CA ALA B 180 -3.99 14.69 -10.37
C ALA B 180 -3.31 15.85 -11.10
N LYS B 181 -4.10 16.71 -11.75
CA LYS B 181 -3.54 17.84 -12.47
C LYS B 181 -2.57 18.64 -11.61
N ASP B 182 -2.76 18.66 -10.30
CA ASP B 182 -1.89 19.41 -9.40
C ASP B 182 -0.83 18.53 -8.75
N ASN B 183 -0.64 17.30 -9.23
CA ASN B 183 0.28 16.35 -8.62
C ASN B 183 -0.06 16.14 -7.14
N ILE B 184 -1.35 16.15 -6.82
CA ILE B 184 -1.81 15.80 -5.48
C ILE B 184 -2.42 14.40 -5.56
N ARG B 185 -1.81 13.46 -4.85
CA ARG B 185 -2.25 12.07 -4.83
C ARG B 185 -3.21 11.88 -3.67
N VAL B 186 -4.34 11.27 -3.94
CA VAL B 186 -5.37 11.06 -2.95
C VAL B 186 -5.59 9.56 -2.83
N ASN B 187 -5.35 9.02 -1.64
CA ASN B 187 -5.52 7.59 -1.38
C ASN B 187 -6.20 7.44 -0.04
N GLY B 188 -6.46 6.20 0.36
CA GLY B 188 -7.16 5.96 1.60
C GLY B 188 -6.71 4.67 2.26
N ILE B 189 -6.99 4.57 3.54
CA ILE B 189 -6.85 3.33 4.28
C ILE B 189 -8.25 2.89 4.71
N ALA B 190 -8.42 1.58 4.78
CA ALA B 190 -9.69 0.97 5.14
C ALA B 190 -9.37 -0.03 6.24
N PRO B 191 -9.21 0.44 7.47
CA PRO B 191 -8.80 -0.46 8.55
C PRO B 191 -9.92 -1.39 8.95
N GLY B 192 -9.52 -2.57 9.40
CA GLY B 192 -10.42 -3.50 10.07
C GLY B 192 -10.63 -3.06 11.51
N VAL B 193 -10.80 -4.04 12.38
CA VAL B 193 -10.99 -3.72 13.81
C VAL B 193 -9.64 -3.29 14.38
N ILE B 194 -9.54 -2.01 14.75
CA ILE B 194 -8.36 -1.46 15.40
C ILE B 194 -8.74 -1.13 16.84
N LYS B 195 -7.90 -1.52 17.78
CA LYS B 195 -8.23 -1.37 19.19
C LYS B 195 -8.07 0.10 19.60
N THR B 196 -9.20 0.79 19.63
CA THR B 196 -9.29 2.19 20.06
C THR B 196 -10.59 2.36 20.81
N LYS B 197 -10.77 3.56 21.39
CA LYS B 197 -12.01 3.85 22.10
C LYS B 197 -13.22 3.62 21.21
N MET B 198 -13.12 3.99 19.93
CA MET B 198 -14.27 3.91 19.04
C MET B 198 -14.79 2.49 18.90
N SER B 199 -13.90 1.50 18.90
CA SER B 199 -14.29 0.12 18.64
C SER B 199 -14.35 -0.71 19.90
N GLN B 200 -14.23 -0.08 21.07
CA GLN B 200 -14.07 -0.82 22.33
C GLN B 200 -15.21 -1.81 22.57
N VAL B 201 -16.45 -1.42 22.25
CA VAL B 201 -17.59 -2.31 22.49
C VAL B 201 -17.34 -3.69 21.88
N LEU B 202 -16.72 -3.72 20.70
CA LEU B 202 -16.56 -5.00 20.00
C LEU B 202 -15.51 -5.90 20.66
N TRP B 203 -14.39 -5.33 21.10
CA TRP B 203 -13.24 -6.14 21.50
C TRP B 203 -12.96 -6.11 23.00
N ASP B 204 -13.70 -5.35 23.79
CA ASP B 204 -13.50 -5.33 25.23
C ASP B 204 -14.09 -6.59 25.85
N GLY B 205 -13.32 -7.25 26.70
CA GLY B 205 -13.73 -8.52 27.28
C GLY B 205 -12.58 -9.46 27.57
N GLY B 206 -11.35 -8.98 27.45
CA GLY B 206 -10.17 -9.78 27.71
C GLY B 206 -9.62 -10.44 26.45
N GLU B 207 -8.40 -10.99 26.58
CA GLU B 207 -7.75 -11.65 25.46
C GLU B 207 -8.27 -13.08 25.36
N ASP B 208 -9.51 -13.17 24.88
CA ASP B 208 -10.25 -14.41 24.70
C ASP B 208 -11.55 -14.01 24.02
N ALA B 209 -12.12 -12.89 24.48
CA ALA B 209 -13.12 -12.18 23.69
C ALA B 209 -12.51 -11.65 22.40
N GLU B 210 -11.27 -11.14 22.47
CA GLU B 210 -10.57 -10.73 21.26
C GLU B 210 -10.33 -11.92 20.33
N LYS B 211 -9.74 -12.99 20.86
CA LYS B 211 -9.50 -14.20 20.08
C LYS B 211 -10.79 -14.71 19.45
N GLU B 212 -11.89 -14.66 20.20
CA GLU B 212 -13.19 -15.00 19.64
C GLU B 212 -13.58 -14.05 18.52
N LEU B 213 -13.37 -12.75 18.73
CA LEU B 213 -13.75 -11.77 17.71
C LEU B 213 -12.95 -11.98 16.43
N THR B 214 -11.66 -12.34 16.54
CA THR B 214 -10.85 -12.56 15.35
C THR B 214 -11.38 -13.71 14.51
N ASP B 215 -11.98 -14.72 15.15
CA ASP B 215 -12.54 -15.84 14.40
C ASP B 215 -13.89 -15.47 13.79
N ILE B 216 -14.72 -14.74 14.53
CA ILE B 216 -15.99 -14.25 13.97
C ILE B 216 -15.72 -13.34 12.78
N GLN B 217 -14.84 -12.35 12.97
CA GLN B 217 -14.45 -11.43 11.92
C GLN B 217 -13.68 -12.11 10.79
N GLU B 218 -13.24 -13.35 11.00
CA GLU B 218 -12.45 -14.08 10.00
C GLU B 218 -11.16 -13.33 9.67
N ILE B 219 -10.38 -12.99 10.69
CA ILE B 219 -9.13 -12.27 10.51
C ILE B 219 -8.02 -13.30 10.37
N ALA B 220 -7.46 -13.41 9.17
CA ALA B 220 -6.50 -14.47 8.88
C ALA B 220 -5.32 -14.44 9.84
N LEU B 221 -4.80 -13.24 10.14
CA LEU B 221 -3.61 -13.12 10.97
C LEU B 221 -3.90 -13.33 12.46
N GLY B 222 -5.16 -13.50 12.84
CA GLY B 222 -5.48 -14.00 14.16
C GLY B 222 -5.30 -13.02 15.30
N ARG B 223 -5.36 -11.73 15.02
CA ARG B 223 -5.28 -10.73 16.08
C ARG B 223 -6.01 -9.48 15.62
N LEU B 224 -6.36 -8.64 16.58
CA LEU B 224 -6.94 -7.36 16.25
C LEU B 224 -5.83 -6.38 15.92
N GLY B 225 -6.20 -5.31 15.22
CA GLY B 225 -5.25 -4.27 14.93
C GLY B 225 -5.02 -3.35 16.11
N VAL B 226 -3.94 -2.59 16.00
CA VAL B 226 -3.65 -1.49 16.91
C VAL B 226 -3.39 -0.24 16.05
N PRO B 227 -3.47 0.94 16.65
CA PRO B 227 -3.32 2.18 15.85
C PRO B 227 -2.05 2.22 15.01
N ASP B 228 -0.91 1.77 15.54
CA ASP B 228 0.30 1.82 14.76
C ASP B 228 0.22 0.95 13.50
N ASP B 229 -0.66 -0.06 13.49
CA ASP B 229 -0.82 -0.84 12.26
C ASP B 229 -1.26 0.02 11.07
N CYS B 230 -1.80 1.22 11.33
CA CYS B 230 -2.19 2.12 10.24
C CYS B 230 -1.11 3.10 9.86
N ALA B 231 -0.15 3.35 10.75
CA ALA B 231 0.72 4.50 10.58
C ALA B 231 1.70 4.29 9.43
N GLY B 232 2.26 3.09 9.32
CA GLY B 232 3.20 2.82 8.23
C GLY B 232 2.58 2.99 6.87
N THR B 233 1.30 2.65 6.74
CA THR B 233 0.67 2.76 5.44
C THR B 233 0.43 4.22 5.08
N VAL B 234 -0.03 5.01 6.04
CA VAL B 234 -0.26 6.43 5.77
C VAL B 234 1.04 7.11 5.41
N ALA B 235 2.10 6.81 6.16
CA ALA B 235 3.40 7.39 5.85
C ALA B 235 3.83 7.00 4.42
N TYR B 236 3.69 5.72 4.07
CA TYR B 236 3.99 5.27 2.72
C TYR B 236 3.14 6.01 1.69
N LEU B 237 1.83 6.13 1.96
CA LEU B 237 0.95 6.79 0.98
C LEU B 237 1.24 8.28 0.85
N ALA B 238 1.79 8.91 1.89
CA ALA B 238 2.11 10.33 1.84
C ALA B 238 3.52 10.60 1.31
N SER B 239 4.34 9.56 1.17
CA SER B 239 5.73 9.71 0.79
C SER B 239 5.91 9.51 -0.71
N ASP B 240 7.14 9.77 -1.16
CA ASP B 240 7.49 9.50 -2.55
C ASP B 240 7.60 8.00 -2.85
N ASP B 241 7.50 7.13 -1.85
CA ASP B 241 7.46 5.70 -2.13
C ASP B 241 6.20 5.28 -2.86
N SER B 242 5.18 6.13 -2.91
CA SER B 242 3.93 5.84 -3.61
C SER B 242 3.63 6.89 -4.67
N SER B 243 4.69 7.46 -5.27
CA SER B 243 4.54 8.61 -6.15
C SER B 243 3.76 8.31 -7.42
N TYR B 244 3.57 7.03 -7.78
CA TYR B 244 2.78 6.70 -8.96
C TYR B 244 1.43 6.11 -8.59
N ILE B 245 0.98 6.30 -7.36
CA ILE B 245 -0.23 5.69 -6.83
C ILE B 245 -1.20 6.78 -6.42
N THR B 246 -2.39 6.79 -7.02
CA THR B 246 -3.46 7.70 -6.62
C THR B 246 -4.80 7.04 -6.88
N GLY B 247 -5.77 7.38 -6.02
CA GLY B 247 -7.12 6.86 -6.13
C GLY B 247 -7.34 5.52 -5.47
N GLU B 248 -6.35 4.99 -4.75
CA GLU B 248 -6.42 3.64 -4.21
C GLU B 248 -6.77 3.63 -2.73
N MET B 249 -7.42 2.55 -2.33
CA MET B 249 -7.72 2.20 -0.95
C MET B 249 -6.88 0.98 -0.56
N ILE B 250 -6.26 1.03 0.62
CA ILE B 250 -5.54 -0.11 1.16
C ILE B 250 -6.28 -0.62 2.37
N ILE B 251 -6.69 -1.88 2.33
CA ILE B 251 -7.39 -2.50 3.45
C ILE B 251 -6.36 -2.97 4.47
N ILE B 252 -6.57 -2.57 5.73
CA ILE B 252 -5.65 -2.88 6.82
C ILE B 252 -6.45 -3.63 7.87
N ALA B 253 -6.69 -4.92 7.62
CA ALA B 253 -7.64 -5.66 8.43
C ALA B 253 -7.16 -7.08 8.72
N GLY B 254 -5.85 -7.32 8.64
CA GLY B 254 -5.30 -8.63 8.97
C GLY B 254 -5.76 -9.77 8.10
N GLY B 255 -6.18 -9.48 6.87
CA GLY B 255 -6.57 -10.53 5.94
C GLY B 255 -8.05 -10.82 5.87
N VAL B 256 -8.92 -9.94 6.36
CA VAL B 256 -10.35 -10.12 6.12
C VAL B 256 -10.65 -9.79 4.66
N GLN B 257 -11.50 -10.61 4.04
CA GLN B 257 -11.74 -10.56 2.60
C GLN B 257 -13.04 -9.81 2.29
N ALA B 258 -12.96 -8.78 1.44
CA ALA B 258 -14.19 -8.14 1.00
C ALA B 258 -14.10 -7.49 -0.39
N ARG B 259 -13.01 -7.66 -1.12
CA ARG B 259 -12.98 -7.30 -2.54
C ARG B 259 -11.75 -7.96 -3.17
N LEU B 260 -11.77 -8.04 -4.49
CA LEU B 260 -10.65 -8.57 -5.26
C LEU B 260 -9.76 -7.42 -5.72
PA NAP C . 11.87 -6.74 -17.99
O1A NAP C . 11.99 -7.24 -19.42
O2A NAP C . 12.31 -5.34 -17.60
O5B NAP C . 12.67 -7.75 -17.04
C5B NAP C . 12.60 -9.13 -17.34
C4B NAP C . 13.38 -9.87 -16.30
O4B NAP C . 12.83 -11.19 -16.22
C3B NAP C . 14.83 -10.02 -16.70
O3B NAP C . 15.66 -10.11 -15.53
C2B NAP C . 14.83 -11.33 -17.43
O2B NAP C . 16.16 -11.84 -17.47
C1B NAP C . 13.88 -12.10 -16.52
N9A NAP C . 13.23 -13.30 -17.11
C8A NAP C . 12.50 -13.35 -18.23
N7A NAP C . 12.05 -14.63 -18.43
C5A NAP C . 12.50 -15.37 -17.40
C6A NAP C . 12.41 -16.78 -16.98
N6A NAP C . 11.73 -17.68 -17.72
N1A NAP C . 13.03 -17.18 -15.85
C2A NAP C . 13.72 -16.31 -15.09
N3A NAP C . 13.84 -15.00 -15.41
C4A NAP C . 13.28 -14.50 -16.53
O3 NAP C . 10.38 -7.08 -17.48
PN NAP C . 9.45 -6.15 -16.55
O1N NAP C . 8.62 -5.31 -17.49
O2N NAP C . 10.27 -5.50 -15.45
O5D NAP C . 8.45 -7.27 -15.93
C5D NAP C . 8.61 -7.88 -14.66
C4D NAP C . 7.24 -8.25 -14.10
O4D NAP C . 6.41 -7.09 -14.06
C3D NAP C . 6.50 -9.29 -14.95
O3D NAP C . 5.87 -10.27 -14.12
C2D NAP C . 5.39 -8.52 -15.64
O2D NAP C . 4.26 -9.37 -15.88
C1D NAP C . 5.13 -7.40 -14.61
N1N NAP C . 4.50 -6.22 -15.20
C2N NAP C . 5.17 -5.43 -16.05
C3N NAP C . 4.56 -4.29 -16.60
C7N NAP C . 5.25 -3.38 -17.57
O7N NAP C . 4.57 -2.70 -18.33
N7N NAP C . 6.57 -3.30 -17.59
C4N NAP C . 3.25 -4.01 -16.26
C5N NAP C . 2.58 -4.84 -15.38
C6N NAP C . 3.24 -5.95 -14.86
P2B NAP C . 16.61 -13.00 -18.51
O1X NAP C . 18.11 -13.08 -18.24
O2X NAP C . 16.23 -12.53 -19.89
O3X NAP C . 15.82 -14.20 -18.04
H51A NAP C . 11.56 -9.46 -17.33
H52A NAP C . 13.02 -9.31 -18.33
H4B NAP C . 13.30 -9.35 -15.33
H3B NAP C . 15.14 -9.20 -17.37
HO3A NAP C . 15.66 -9.27 -15.07
H2B NAP C . 14.41 -11.21 -18.43
H1B NAP C . 14.41 -12.38 -15.60
H8A NAP C . 12.30 -12.52 -18.88
H61A NAP C . 11.67 -18.64 -17.42
H62A NAP C . 11.27 -17.38 -18.56
H2A NAP C . 14.19 -16.67 -14.18
H51N NAP C . 9.11 -7.18 -13.97
H52N NAP C . 9.24 -8.77 -14.74
H4D NAP C . 7.37 -8.66 -13.09
H3D NAP C . 7.17 -9.74 -15.70
HO3N NAP C . 5.41 -10.91 -14.68
H2D NAP C . 5.76 -8.08 -16.56
HO2N NAP C . 4.52 -10.09 -16.47
H1D NAP C . 4.47 -7.81 -13.82
H2N NAP C . 6.20 -5.66 -16.32
H71N NAP C . 7.03 -2.68 -18.24
H72N NAP C . 7.12 -3.86 -16.95
H4N NAP C . 2.75 -3.14 -16.67
H5N NAP C . 1.56 -4.63 -15.09
H6N NAP C . 2.73 -6.60 -14.16
C1 ISN D . 1.34 -3.79 -19.69
C2 ISN D . 2.40 -3.11 -20.25
C3 ISN D . 2.14 -1.89 -20.84
C4 ISN D . 0.84 -1.38 -20.88
C5 ISN D . -0.25 -2.03 -20.32
N1 ISN D . -0.93 -4.11 -19.10
C6 ISN D . -0.06 -3.25 -19.71
C7 ISN D . 1.20 -5.06 -18.98
C10 ISN D . -0.23 -5.17 -18.66
O8 ISN D . 2.11 -5.92 -18.70
O11 ISN D . -0.74 -6.16 -18.03
H2 ISN D . 3.41 -3.52 -20.22
H3 ISN D . 2.94 -1.33 -21.29
H4 ISN D . 0.67 -0.41 -21.36
H5 ISN D . -1.24 -1.60 -20.37
H1 ISN D . -1.95 -3.96 -18.98
PA NAP E . -10.42 7.25 18.68
O1A NAP E . -11.65 7.31 19.55
O2A NAP E . -9.20 6.48 19.16
O5B NAP E . -9.95 8.73 18.28
C5B NAP E . -10.89 9.63 17.72
C4B NAP E . -10.27 11.00 17.63
O4B NAP E . -11.18 11.85 16.93
C3B NAP E . -10.05 11.65 18.99
O3B NAP E . -8.81 12.36 18.94
C2B NAP E . -11.17 12.64 19.14
O2B NAP E . -10.78 13.74 19.98
C1B NAP E . -11.31 13.05 17.69
N9A NAP E . -12.62 13.58 17.34
C8A NAP E . -13.82 13.02 17.56
N7A NAP E . -14.80 13.81 17.05
C5A NAP E . -14.18 14.87 16.49
C6A NAP E . -14.61 16.07 15.79
N6A NAP E . -15.92 16.30 15.57
N1A NAP E . -13.67 16.93 15.37
C2A NAP E . -12.36 16.71 15.56
N3A NAP E . -11.89 15.63 16.20
C4A NAP E . -12.75 14.71 16.67
O3 NAP E . -10.98 6.71 17.25
PN NAP E . -10.17 5.97 16.05
O1N NAP E . -10.65 4.55 16.06
O2N NAP E . -8.69 6.27 16.10
O5D NAP E . -10.90 6.67 14.78
C5D NAP E . -10.17 7.40 13.80
C4D NAP E . -10.67 6.98 12.43
O4D NAP E . -10.47 5.57 12.26
C3D NAP E . -12.16 7.22 12.22
O3D NAP E . -12.38 7.86 10.95
C2D NAP E . -12.77 5.84 12.20
O2D NAP E . -13.98 5.77 11.43
C1D NAP E . -11.61 5.04 11.60
N1N NAP E . -11.69 3.60 11.79
C2N NAP E . -11.59 3.10 13.03
C3N NAP E . -11.64 1.72 13.21
C7N NAP E . -11.54 1.06 14.55
O7N NAP E . -11.92 -0.10 14.68
N7N NAP E . -11.04 1.73 15.57
C4N NAP E . -11.80 0.90 12.10
C5N NAP E . -11.91 1.45 10.84
C6N NAP E . -11.84 2.83 10.71
P2B NAP E . -11.84 14.72 20.71
O1X NAP E . -10.92 15.61 21.53
O2X NAP E . -12.75 13.85 21.56
O3X NAP E . -12.56 15.41 19.57
H51A NAP E . -11.19 9.29 16.73
H52A NAP E . -11.78 9.67 18.35
H4B NAP E . -9.32 10.94 17.10
H3B NAP E . -10.07 10.90 19.78
HO3A NAP E . -8.08 11.73 18.83
H2B NAP E . -12.09 12.15 19.51
H1B NAP E . -10.52 13.77 17.43
H8A NAP E . -13.98 12.09 18.08
H61A NAP E . -16.20 17.13 15.08
H62A NAP E . -16.61 15.64 15.90
H2A NAP E . -11.65 17.45 15.19
H51N NAP E . -10.32 8.48 13.94
H52N NAP E . -9.10 7.19 13.89
H4D NAP E . -10.11 7.53 11.66
H3D NAP E . -12.58 7.82 13.05
HO3N NAP E . -13.33 8.01 10.83
H2D NAP E . -12.94 5.50 13.23
HO2N NAP E . -14.63 6.35 11.82
H1D NAP E . -11.56 5.28 10.53
H2N NAP E . -11.46 3.75 13.87
H71N NAP E . -10.97 1.29 16.48
H72N NAP E . -10.72 2.68 15.44
H4N NAP E . -11.86 -0.17 12.23
H5N NAP E . -12.04 0.82 9.97
H6N NAP E . -11.92 3.28 9.73
C1 ISN F . -15.76 0.34 13.36
C2 ISN F . -16.67 1.22 13.92
C3 ISN F . -17.06 1.00 15.24
C4 ISN F . -16.55 -0.06 15.98
C5 ISN F . -15.64 -0.96 15.44
N1 ISN F . -14.32 -1.52 13.39
C6 ISN F . -15.20 -0.81 14.14
C7 ISN F . -15.09 0.21 12.04
C10 ISN F . -14.24 -0.98 12.16
O8 ISN F . -15.21 0.94 11.00
O11 ISN F . -13.48 -1.41 11.22
H2 ISN F . -17.07 2.05 13.34
H3 ISN F . -17.78 1.68 15.70
H4 ISN F . -16.89 -0.20 17.00
H5 ISN F . -15.25 -1.78 16.05
H1 ISN F . -13.81 -2.37 13.71
#